data_7VQD
#
_entry.id   7VQD
#
_cell.length_a   111.061
_cell.length_b   81.581
_cell.length_c   59.755
_cell.angle_alpha   90.000
_cell.angle_beta   102.890
_cell.angle_gamma   90.000
#
_symmetry.space_group_name_H-M   'C 1 2 1'
#
loop_
_entity.id
_entity.type
_entity.pdbx_description
1 polymer Di-trans-poly-cis-decaprenylcistransferase
2 non-polymer 'FARNESYL DIPHOSPHATE'
3 non-polymer 'SULFATE ION'
4 non-polymer 'NerylNeryl pyrophosphate'
5 water water
#
_entity_poly.entity_id   1
_entity_poly.type   'polypeptide(L)'
_entity_poly.pdbx_seq_one_letter_code
;MGGYFLDTPKFKRLPGHIAIIPDGNRRWALDRGLEKHEGYKHGIVPGLELYDICVKIGIGEVTFFGFTQDNTKRPQIQRK
AFVDACIKSVKELSKHDAELLVVGNTNSDMFPKELLAYTKRTKFGKGKVRINFLVNYGWYWDLTYAFENSSDSKKMIENI
ASAEIPRIDLLIRWGGRRRLSGMLPVQTVYSDIYVVDEMWPDFKPEHLFNALEFYQDQDITLGG
;
_entity_poly.pdbx_strand_id   A,B
#
# COMPACT_ATOMS: atom_id res chain seq x y z
N THR A 8 22.31 -5.11 -17.52
CA THR A 8 21.67 -6.13 -16.64
C THR A 8 22.75 -6.79 -15.78
N PRO A 9 22.65 -6.72 -14.42
CA PRO A 9 23.19 -7.79 -13.58
C PRO A 9 22.37 -9.04 -13.88
N LYS A 10 22.92 -10.23 -13.60
CA LYS A 10 22.21 -11.52 -13.73
C LYS A 10 21.19 -11.60 -12.60
N PHE A 11 19.98 -12.06 -12.92
CA PHE A 11 18.86 -12.20 -11.96
C PHE A 11 18.41 -13.67 -11.95
N LYS A 12 17.96 -14.15 -10.79
CA LYS A 12 17.31 -15.47 -10.58
C LYS A 12 15.85 -15.36 -10.97
N ARG A 13 15.31 -14.17 -10.82
CA ARG A 13 13.87 -13.91 -11.00
C ARG A 13 13.71 -12.42 -11.21
N LEU A 14 12.72 -12.02 -12.00
CA LEU A 14 12.31 -10.62 -12.16
C LEU A 14 10.84 -10.56 -11.78
N PRO A 15 10.35 -9.37 -11.42
CA PRO A 15 8.91 -9.19 -11.33
C PRO A 15 8.35 -9.28 -12.76
N GLY A 16 7.17 -9.88 -12.89
CA GLY A 16 6.38 -9.84 -14.13
C GLY A 16 5.88 -8.44 -14.48
N HIS A 17 5.48 -7.65 -13.47
CA HIS A 17 4.80 -6.34 -13.63
C HIS A 17 5.33 -5.34 -12.59
N ILE A 18 5.94 -4.28 -13.06
CA ILE A 18 6.52 -3.20 -12.22
C ILE A 18 5.57 -2.01 -12.31
N ALA A 19 5.20 -1.41 -11.18
CA ALA A 19 4.51 -0.10 -11.12
C ALA A 19 5.52 0.97 -10.67
N ILE A 20 5.41 2.15 -11.26
CA ILE A 20 6.38 3.27 -11.09
C ILE A 20 5.55 4.47 -10.69
N ILE A 21 5.79 5.04 -9.52
CA ILE A 21 5.23 6.35 -9.08
C ILE A 21 6.35 7.37 -9.24
N PRO A 22 6.33 8.21 -10.31
CA PRO A 22 7.42 9.16 -10.60
C PRO A 22 7.26 10.49 -9.85
N ASP A 23 7.44 10.43 -8.52
CA ASP A 23 7.21 11.54 -7.58
C ASP A 23 8.49 12.39 -7.39
N GLY A 24 8.30 13.66 -6.99
CA GLY A 24 9.34 14.60 -6.56
C GLY A 24 9.74 15.59 -7.64
N ASN A 25 8.89 15.80 -8.65
CA ASN A 25 9.24 16.62 -9.83
C ASN A 25 9.32 18.07 -9.40
N ARG A 26 8.39 18.48 -8.52
CA ARG A 26 8.25 19.86 -8.02
C ARG A 26 9.39 20.20 -7.05
N ARG A 27 9.73 19.31 -6.13
CA ARG A 27 10.83 19.55 -5.16
C ARG A 27 12.12 19.65 -5.96
N TRP A 28 12.24 18.81 -6.97
CA TRP A 28 13.45 18.74 -7.82
C TRP A 28 13.63 20.07 -8.56
N ALA A 29 12.55 20.60 -9.13
CA ALA A 29 12.49 21.92 -9.79
C ALA A 29 12.91 23.03 -8.81
N LEU A 30 12.16 23.14 -7.70
CA LEU A 30 12.31 24.16 -6.64
C LEU A 30 13.77 24.19 -6.22
N ASP A 31 14.35 22.99 -6.08
CA ASP A 31 15.74 22.78 -5.65
C ASP A 31 16.70 23.34 -6.70
N ARG A 32 16.44 23.18 -8.01
CA ARG A 32 17.30 23.73 -9.10
C ARG A 32 17.07 25.25 -9.27
N GLY A 33 16.00 25.81 -8.67
CA GLY A 33 15.70 27.25 -8.67
C GLY A 33 14.61 27.62 -9.66
N LEU A 34 13.85 26.62 -10.13
CA LEU A 34 12.79 26.78 -11.16
C LEU A 34 11.43 26.89 -10.48
N GLU A 35 10.41 27.20 -11.27
CA GLU A 35 9.01 27.16 -10.82
C GLU A 35 8.59 25.68 -10.66
N LYS A 36 7.71 25.39 -9.70
CA LYS A 36 7.31 24.02 -9.32
C LYS A 36 7.01 23.22 -10.59
N HIS A 37 6.21 23.79 -11.48
CA HIS A 37 5.64 23.08 -12.66
C HIS A 37 6.69 22.73 -13.72
N GLU A 38 7.89 23.29 -13.68
CA GLU A 38 8.97 23.05 -14.67
C GLU A 38 9.63 21.70 -14.40
N GLY A 39 9.48 21.13 -13.21
CA GLY A 39 10.02 19.79 -12.92
C GLY A 39 9.53 18.72 -13.89
N TYR A 40 8.23 18.69 -14.19
CA TYR A 40 7.55 17.54 -14.86
C TYR A 40 8.24 17.23 -16.18
N LYS A 41 8.61 18.24 -16.97
CA LYS A 41 9.24 18.00 -18.29
C LYS A 41 10.60 17.32 -18.07
N HIS A 42 11.19 17.39 -16.87
CA HIS A 42 12.50 16.73 -16.63
C HIS A 42 12.27 15.27 -16.21
N GLY A 43 10.99 14.87 -16.12
CA GLY A 43 10.55 13.51 -15.80
C GLY A 43 10.38 12.64 -17.02
N ILE A 44 10.53 13.20 -18.23
CA ILE A 44 10.20 12.46 -19.48
C ILE A 44 11.37 11.54 -19.86
N VAL A 45 12.57 12.08 -19.93
CA VAL A 45 13.78 11.32 -20.32
C VAL A 45 14.03 10.18 -19.33
N PRO A 46 13.94 10.39 -18.00
CA PRO A 46 14.00 9.28 -17.04
C PRO A 46 12.98 8.15 -17.28
N GLY A 47 11.76 8.47 -17.70
CA GLY A 47 10.70 7.51 -18.08
C GLY A 47 11.16 6.57 -19.19
N LEU A 48 11.69 7.16 -20.27
CA LEU A 48 12.18 6.46 -21.49
C LEU A 48 13.44 5.68 -21.12
N GLU A 49 14.23 6.16 -20.16
CA GLU A 49 15.42 5.42 -19.66
C GLU A 49 14.98 4.18 -18.87
N LEU A 50 14.02 4.34 -17.97
CA LEU A 50 13.52 3.18 -17.18
C LEU A 50 13.01 2.15 -18.19
N TYR A 51 12.21 2.60 -19.15
CA TYR A 51 11.60 1.68 -20.14
C TYR A 51 12.69 0.93 -20.94
N ASP A 52 13.68 1.62 -21.50
CA ASP A 52 14.81 0.98 -22.22
C ASP A 52 15.43 -0.11 -21.33
N ILE A 53 15.72 0.18 -20.05
CA ILE A 53 16.35 -0.86 -19.19
C ILE A 53 15.38 -2.04 -19.01
N CYS A 54 14.10 -1.79 -18.71
CA CYS A 54 13.07 -2.85 -18.55
C CYS A 54 13.15 -3.80 -19.75
N VAL A 55 13.26 -3.24 -20.95
CA VAL A 55 13.30 -3.99 -22.25
C VAL A 55 14.60 -4.79 -22.32
N LYS A 56 15.70 -4.16 -21.93
CA LYS A 56 17.05 -4.76 -22.01
C LYS A 56 17.06 -5.91 -21.01
N ILE A 57 16.61 -5.74 -19.77
CA ILE A 57 16.75 -6.79 -18.72
C ILE A 57 15.61 -7.80 -18.81
N GLY A 58 14.47 -7.45 -19.43
CA GLY A 58 13.38 -8.38 -19.76
C GLY A 58 12.17 -8.27 -18.85
N ILE A 59 11.94 -7.09 -18.25
CA ILE A 59 10.69 -6.78 -17.50
C ILE A 59 9.54 -6.76 -18.50
N GLY A 60 8.46 -7.48 -18.23
CA GLY A 60 7.41 -7.69 -19.23
C GLY A 60 6.36 -6.59 -19.23
N GLU A 61 6.14 -5.92 -18.11
CA GLU A 61 5.02 -4.97 -17.97
C GLU A 61 5.42 -3.90 -16.97
N VAL A 62 5.13 -2.67 -17.34
CA VAL A 62 5.37 -1.48 -16.48
C VAL A 62 4.11 -0.64 -16.47
N THR A 63 3.66 -0.24 -15.28
CA THR A 63 2.58 0.75 -15.12
C THR A 63 3.15 2.02 -14.47
N PHE A 64 2.93 3.18 -15.08
CA PHE A 64 3.37 4.51 -14.58
C PHE A 64 2.17 5.21 -13.99
N PHE A 65 2.32 5.83 -12.83
CA PHE A 65 1.34 6.76 -12.23
C PHE A 65 1.56 8.12 -12.90
N GLY A 66 0.67 8.46 -13.85
CA GLY A 66 0.60 9.75 -14.56
C GLY A 66 0.03 10.81 -13.64
N PHE A 67 -1.28 10.91 -13.49
CA PHE A 67 -1.92 11.80 -12.50
C PHE A 67 -3.34 11.31 -12.17
N THR A 68 -3.88 11.79 -11.06
CA THR A 68 -5.20 11.40 -10.53
C THR A 68 -6.19 12.54 -10.72
N GLN A 69 -7.49 12.23 -10.67
CA GLN A 69 -8.59 13.21 -10.52
C GLN A 69 -8.19 14.26 -9.46
N ASP A 70 -7.78 13.85 -8.24
CA ASP A 70 -7.40 14.81 -7.16
C ASP A 70 -6.28 15.74 -7.62
N ASN A 71 -5.19 15.21 -8.19
CA ASN A 71 -4.08 16.01 -8.76
C ASN A 71 -4.62 17.19 -9.59
N THR A 72 -5.74 17.05 -10.32
CA THR A 72 -6.21 18.11 -11.23
C THR A 72 -6.76 19.29 -10.42
N LYS A 73 -7.06 19.07 -9.12
CA LYS A 73 -7.41 20.12 -8.12
C LYS A 73 -6.34 21.21 -8.10
N ARG A 74 -5.06 20.81 -8.25
CA ARG A 74 -3.88 21.71 -8.20
C ARG A 74 -4.06 22.85 -9.19
N PRO A 75 -3.25 23.93 -9.01
CA PRO A 75 -3.39 25.12 -9.85
C PRO A 75 -3.23 24.80 -11.34
N GLN A 76 -3.92 25.57 -12.17
CA GLN A 76 -3.92 25.41 -13.64
C GLN A 76 -2.47 25.23 -14.11
N ILE A 77 -1.53 26.01 -13.64
CA ILE A 77 -0.21 26.06 -14.33
C ILE A 77 0.55 24.75 -14.10
N GLN A 78 0.38 24.13 -12.94
CA GLN A 78 0.96 22.79 -12.63
C GLN A 78 0.26 21.74 -13.50
N ARG A 79 -1.06 21.83 -13.58
CA ARG A 79 -1.92 20.83 -14.25
C ARG A 79 -1.58 20.83 -15.75
N LYS A 80 -1.55 21.99 -16.40
CA LYS A 80 -1.15 22.11 -17.82
C LYS A 80 0.17 21.32 -18.03
N ALA A 81 1.12 21.53 -17.12
CA ALA A 81 2.51 21.06 -17.27
C ALA A 81 2.59 19.54 -17.11
N PHE A 82 2.01 18.99 -16.05
CA PHE A 82 2.13 17.54 -15.79
C PHE A 82 1.23 16.80 -16.79
N VAL A 83 0.22 17.48 -17.32
CA VAL A 83 -0.56 16.94 -18.46
C VAL A 83 0.32 16.98 -19.71
N ASP A 84 1.03 18.09 -19.95
CA ASP A 84 1.85 18.18 -21.18
C ASP A 84 2.88 17.05 -21.14
N ALA A 85 3.41 16.76 -19.96
CA ALA A 85 4.54 15.81 -19.77
C ALA A 85 4.03 14.37 -20.00
N CYS A 86 2.79 14.08 -19.57
CA CYS A 86 2.13 12.75 -19.79
C CYS A 86 1.91 12.51 -21.27
N ILE A 87 1.45 13.53 -21.99
CA ILE A 87 1.17 13.41 -23.45
C ILE A 87 2.48 13.08 -24.17
N LYS A 88 3.49 13.91 -23.98
CA LYS A 88 4.84 13.79 -24.61
C LYS A 88 5.42 12.43 -24.23
N SER A 89 5.27 12.03 -22.97
CA SER A 89 5.77 10.72 -22.45
C SER A 89 5.13 9.59 -23.27
N VAL A 90 3.81 9.57 -23.41
CA VAL A 90 3.06 8.52 -24.17
C VAL A 90 3.49 8.66 -25.65
N LYS A 91 3.58 9.89 -26.14
CA LYS A 91 4.03 10.16 -27.52
C LYS A 91 5.39 9.51 -27.72
N GLU A 92 6.35 9.77 -26.83
CA GLU A 92 7.76 9.31 -27.02
C GLU A 92 7.85 7.79 -26.87
N LEU A 93 7.13 7.20 -25.90
CA LEU A 93 7.09 5.72 -25.71
C LEU A 93 6.55 5.04 -26.97
N SER A 94 5.76 5.76 -27.78
CA SER A 94 5.10 5.21 -28.99
C SER A 94 6.13 5.00 -30.10
N LYS A 95 7.27 5.70 -30.06
CA LYS A 95 8.38 5.53 -31.04
C LYS A 95 9.24 4.31 -30.72
N HIS A 96 9.10 3.74 -29.52
CA HIS A 96 9.85 2.51 -29.10
C HIS A 96 8.99 1.26 -29.35
N ASP A 97 9.44 0.11 -28.90
CA ASP A 97 8.69 -1.18 -29.01
C ASP A 97 7.87 -1.35 -27.74
N ALA A 98 6.72 -0.69 -27.64
CA ALA A 98 5.86 -0.71 -26.44
C ALA A 98 4.42 -1.02 -26.84
N GLU A 99 3.76 -1.92 -26.10
CA GLU A 99 2.27 -2.06 -26.13
C GLU A 99 1.68 -1.08 -25.11
N LEU A 100 1.03 -0.02 -25.58
CA LEU A 100 0.66 1.13 -24.75
C LEU A 100 -0.82 1.08 -24.39
N LEU A 101 -1.13 1.23 -23.12
CA LEU A 101 -2.52 1.37 -22.65
C LEU A 101 -2.55 2.54 -21.66
N VAL A 102 -3.42 3.51 -21.90
CA VAL A 102 -3.75 4.60 -20.95
C VAL A 102 -5.07 4.25 -20.26
N VAL A 103 -5.08 4.30 -18.93
CA VAL A 103 -6.30 4.06 -18.12
C VAL A 103 -6.59 5.33 -17.34
N GLY A 104 -7.81 5.84 -17.47
CA GLY A 104 -8.31 6.89 -16.59
C GLY A 104 -9.67 7.33 -17.02
N ASN A 105 -10.23 8.29 -16.31
CA ASN A 105 -11.64 8.72 -16.48
C ASN A 105 -11.66 9.68 -17.67
N THR A 106 -12.10 9.15 -18.81
CA THR A 106 -12.26 9.89 -20.08
C THR A 106 -13.55 10.71 -20.10
N ASN A 107 -14.51 10.49 -19.17
CA ASN A 107 -15.77 11.29 -19.11
C ASN A 107 -15.48 12.50 -18.24
N SER A 108 -14.40 13.21 -18.53
CA SER A 108 -13.96 14.39 -17.75
C SER A 108 -13.28 15.35 -18.72
N ASP A 109 -13.58 16.64 -18.59
CA ASP A 109 -12.88 17.74 -19.30
C ASP A 109 -11.37 17.63 -19.01
N MET A 110 -10.97 16.98 -17.92
CA MET A 110 -9.57 16.93 -17.42
C MET A 110 -8.80 15.79 -18.07
N PHE A 111 -9.43 14.87 -18.78
CA PHE A 111 -8.70 13.83 -19.56
C PHE A 111 -8.17 14.46 -20.84
N PRO A 112 -6.84 14.48 -21.06
CA PRO A 112 -6.29 15.08 -22.28
C PRO A 112 -6.78 14.36 -23.56
N LYS A 113 -7.43 15.09 -24.46
CA LYS A 113 -7.97 14.50 -25.73
C LYS A 113 -6.87 13.74 -26.47
N GLU A 114 -5.61 14.17 -26.38
CA GLU A 114 -4.48 13.64 -27.17
C GLU A 114 -4.16 12.21 -26.74
N LEU A 115 -4.73 11.74 -25.62
CA LEU A 115 -4.41 10.42 -25.05
C LEU A 115 -5.62 9.48 -25.19
N LEU A 116 -6.76 9.97 -25.67
CA LEU A 116 -7.93 9.08 -25.88
C LEU A 116 -7.50 7.91 -26.78
N ALA A 117 -6.59 8.18 -27.72
CA ALA A 117 -6.18 7.22 -28.76
C ALA A 117 -5.63 5.94 -28.12
N TYR A 118 -5.06 6.03 -26.92
CA TYR A 118 -4.31 4.92 -26.29
C TYR A 118 -5.11 4.29 -25.14
N THR A 119 -6.41 4.52 -25.10
CA THR A 119 -7.35 3.88 -24.14
C THR A 119 -7.65 2.44 -24.58
N LYS A 120 -7.28 2.08 -25.80
CA LYS A 120 -7.31 0.68 -26.29
C LYS A 120 -5.85 0.29 -26.48
N ARG A 121 -5.42 -0.81 -25.86
CA ARG A 121 -3.99 -1.21 -25.84
C ARG A 121 -3.53 -1.35 -27.29
N THR A 122 -2.45 -0.67 -27.63
CA THR A 122 -1.89 -0.50 -28.99
C THR A 122 -0.42 -0.91 -29.00
N LYS A 123 -0.04 -1.81 -29.91
CA LYS A 123 1.34 -2.28 -30.14
C LYS A 123 2.05 -1.26 -31.04
N PHE A 124 3.22 -0.74 -30.65
CA PHE A 124 4.13 0.06 -31.53
C PHE A 124 5.41 -0.74 -31.73
N GLY A 125 6.00 -0.67 -32.93
CA GLY A 125 7.12 -1.54 -33.34
C GLY A 125 6.82 -2.99 -32.97
N LYS A 126 7.79 -3.67 -32.34
CA LYS A 126 7.76 -5.12 -31.99
C LYS A 126 6.93 -5.39 -30.73
N GLY A 127 6.62 -4.39 -29.91
CA GLY A 127 5.77 -4.55 -28.72
C GLY A 127 6.45 -5.44 -27.70
N LYS A 128 7.65 -5.08 -27.28
CA LYS A 128 8.56 -5.89 -26.41
C LYS A 128 8.22 -5.77 -24.91
N VAL A 129 7.30 -4.89 -24.54
CA VAL A 129 6.98 -4.59 -23.12
C VAL A 129 5.65 -3.83 -23.10
N ARG A 130 4.72 -4.28 -22.24
CA ARG A 130 3.42 -3.61 -21.98
C ARG A 130 3.66 -2.41 -21.08
N ILE A 131 3.31 -1.21 -21.52
CA ILE A 131 3.33 0.01 -20.67
C ILE A 131 1.87 0.38 -20.45
N ASN A 132 1.47 0.50 -19.18
CA ASN A 132 0.20 1.17 -18.83
C ASN A 132 0.53 2.53 -18.21
N PHE A 133 -0.45 3.41 -18.29
CA PHE A 133 -0.37 4.83 -17.90
C PHE A 133 -1.66 5.27 -17.25
N LEU A 134 -1.57 5.66 -15.98
CA LEU A 134 -2.71 6.21 -15.20
C LEU A 134 -2.76 7.70 -15.44
N VAL A 135 -3.76 8.13 -16.22
CA VAL A 135 -4.05 9.52 -16.66
C VAL A 135 -5.48 9.86 -16.23
N ASN A 136 -5.63 10.85 -15.36
CA ASN A 136 -6.96 11.23 -14.82
C ASN A 136 -7.57 10.01 -14.14
N TYR A 137 -6.74 9.26 -13.40
CA TYR A 137 -7.12 8.02 -12.67
C TYR A 137 -7.64 8.39 -11.28
N GLY A 138 -8.70 7.72 -10.81
CA GLY A 138 -9.14 7.78 -9.41
C GLY A 138 -9.40 6.38 -8.89
N TRP A 139 -9.02 6.09 -7.65
CA TRP A 139 -9.23 4.73 -7.07
C TRP A 139 -10.72 4.46 -6.95
N TYR A 140 -11.48 5.49 -6.55
CA TYR A 140 -12.94 5.43 -6.33
C TYR A 140 -13.63 5.24 -7.69
N TRP A 141 -13.29 6.09 -8.66
CA TRP A 141 -13.75 5.89 -10.06
C TRP A 141 -13.51 4.44 -10.48
N ASP A 142 -12.34 3.89 -10.13
CA ASP A 142 -11.88 2.55 -10.57
C ASP A 142 -12.78 1.46 -10.01
N LEU A 143 -13.00 1.46 -8.70
CA LEU A 143 -13.72 0.37 -7.99
C LEU A 143 -15.22 0.45 -8.31
N THR A 144 -15.79 1.66 -8.28
CA THR A 144 -17.24 1.88 -8.50
C THR A 144 -17.60 1.72 -9.99
N TYR A 145 -16.61 1.63 -10.88
CA TYR A 145 -16.82 1.48 -12.35
C TYR A 145 -17.63 0.21 -12.59
N ALA A 146 -17.45 -0.75 -11.69
CA ALA A 146 -18.06 -2.09 -11.72
C ALA A 146 -19.57 -2.09 -11.38
N PHE A 147 -20.04 -1.17 -10.54
CA PHE A 147 -21.40 -1.21 -9.91
C PHE A 147 -22.47 -0.76 -10.90
N LYS A 155 -16.64 -11.17 -11.16
CA LYS A 155 -17.67 -10.32 -10.53
C LYS A 155 -17.43 -8.88 -10.95
N MET A 156 -17.56 -7.94 -10.01
CA MET A 156 -17.33 -6.52 -10.29
C MET A 156 -15.82 -6.26 -10.26
N ILE A 157 -15.06 -7.08 -9.53
CA ILE A 157 -13.59 -6.85 -9.40
C ILE A 157 -12.96 -7.10 -10.75
N GLU A 158 -13.58 -7.94 -11.56
CA GLU A 158 -13.08 -8.26 -12.92
C GLU A 158 -13.50 -7.18 -13.91
N ASN A 159 -14.37 -6.26 -13.49
CA ASN A 159 -14.92 -5.22 -14.40
C ASN A 159 -14.63 -3.85 -13.81
N ILE A 160 -13.58 -3.75 -13.00
CA ILE A 160 -13.11 -2.43 -12.51
C ILE A 160 -12.51 -1.69 -13.72
N ALA A 161 -12.47 -0.36 -13.67
CA ALA A 161 -11.92 0.39 -14.81
C ALA A 161 -10.51 -0.10 -15.16
N SER A 162 -9.73 -0.59 -14.18
CA SER A 162 -8.27 -0.89 -14.36
C SER A 162 -8.05 -2.39 -14.63
N ALA A 163 -9.11 -3.09 -15.04
CA ALA A 163 -9.12 -4.55 -15.20
C ALA A 163 -8.06 -5.02 -16.21
N GLU A 164 -7.79 -4.24 -17.28
CA GLU A 164 -6.77 -4.54 -18.33
C GLU A 164 -5.35 -4.52 -17.74
N ILE A 165 -5.17 -4.03 -16.51
CA ILE A 165 -3.85 -3.88 -15.83
C ILE A 165 -3.80 -4.96 -14.77
N PRO A 166 -2.85 -5.92 -14.85
CA PRO A 166 -2.83 -7.03 -13.92
C PRO A 166 -2.13 -6.67 -12.61
N ARG A 167 -2.16 -7.64 -11.69
CA ARG A 167 -1.43 -7.66 -10.40
C ARG A 167 -0.04 -7.06 -10.59
N ILE A 168 0.34 -6.19 -9.65
CA ILE A 168 1.67 -5.53 -9.63
C ILE A 168 2.53 -6.30 -8.64
N ASP A 169 3.66 -6.81 -9.09
CA ASP A 169 4.60 -7.57 -8.20
C ASP A 169 5.42 -6.56 -7.39
N LEU A 170 5.88 -5.51 -8.06
CA LEU A 170 6.84 -4.52 -7.50
C LEU A 170 6.39 -3.10 -7.89
N LEU A 171 6.16 -2.27 -6.88
CA LEU A 171 5.88 -0.82 -7.02
C LEU A 171 7.13 -0.07 -6.56
N ILE A 172 7.69 0.76 -7.41
CA ILE A 172 8.88 1.60 -7.07
C ILE A 172 8.41 3.06 -7.07
N ARG A 173 8.63 3.74 -5.95
CA ARG A 173 8.22 5.15 -5.78
C ARG A 173 9.47 5.98 -5.54
N TRP A 174 9.68 6.98 -6.40
CA TRP A 174 10.73 8.00 -6.24
C TRP A 174 10.21 9.10 -5.34
N GLY A 175 11.09 9.93 -4.79
CA GLY A 175 10.72 11.11 -4.00
C GLY A 175 10.65 10.81 -2.50
N GLY A 176 10.97 9.61 -2.05
CA GLY A 176 11.14 9.33 -0.60
C GLY A 176 9.90 9.04 0.22
N ARG A 177 8.73 9.15 -0.38
CA ARG A 177 7.47 8.95 0.37
C ARG A 177 7.04 7.48 0.23
N ARG A 178 6.61 6.88 1.33
CA ARG A 178 6.14 5.48 1.30
C ARG A 178 4.61 5.45 1.33
N ARG A 179 3.98 5.48 0.16
CA ARG A 179 2.49 5.47 0.06
C ARG A 179 2.07 5.17 -1.38
N LEU A 180 0.81 4.81 -1.59
CA LEU A 180 0.33 4.42 -2.94
C LEU A 180 -0.32 5.63 -3.62
N SER A 181 -0.71 6.65 -2.87
CA SER A 181 -1.40 7.84 -3.39
C SER A 181 -2.58 7.36 -4.23
N GLY A 182 -3.30 6.35 -3.76
CA GLY A 182 -4.53 5.90 -4.44
C GLY A 182 -4.26 5.16 -5.73
N MET A 183 -3.05 4.64 -5.93
CA MET A 183 -2.72 3.83 -7.13
C MET A 183 -3.28 2.42 -6.98
N LEU A 184 -4.15 2.02 -7.92
CA LEU A 184 -4.55 0.63 -8.20
C LEU A 184 -4.63 -0.22 -6.94
N PRO A 185 -5.56 0.09 -5.99
CA PRO A 185 -5.63 -0.62 -4.72
C PRO A 185 -5.89 -2.13 -4.92
N VAL A 186 -6.53 -2.52 -6.02
CA VAL A 186 -6.71 -3.98 -6.29
C VAL A 186 -5.38 -4.61 -6.72
N GLN A 187 -4.66 -3.97 -7.64
CA GLN A 187 -3.42 -4.56 -8.20
C GLN A 187 -2.29 -4.53 -7.16
N THR A 188 -2.37 -3.65 -6.16
CA THR A 188 -1.26 -3.40 -5.21
C THR A 188 -1.44 -4.12 -3.87
N VAL A 189 -2.45 -4.99 -3.72
CA VAL A 189 -2.76 -5.56 -2.37
C VAL A 189 -1.54 -6.33 -1.81
N TYR A 190 -0.68 -6.90 -2.66
CA TYR A 190 0.46 -7.73 -2.21
C TYR A 190 1.78 -7.23 -2.79
N SER A 191 1.82 -6.05 -3.41
CA SER A 191 3.04 -5.56 -4.10
C SER A 191 4.17 -5.33 -3.08
N ASP A 192 5.37 -5.73 -3.43
CA ASP A 192 6.58 -5.24 -2.74
C ASP A 192 6.69 -3.76 -3.08
N ILE A 193 7.19 -2.97 -2.14
CA ILE A 193 7.24 -1.49 -2.26
C ILE A 193 8.65 -1.04 -1.92
N TYR A 194 9.33 -0.48 -2.90
CA TYR A 194 10.70 0.05 -2.80
C TYR A 194 10.60 1.56 -2.95
N VAL A 195 11.25 2.31 -2.06
CA VAL A 195 11.22 3.79 -2.10
C VAL A 195 12.64 4.28 -2.32
N VAL A 196 12.81 5.01 -3.42
CA VAL A 196 14.06 5.72 -3.77
C VAL A 196 13.91 7.14 -3.23
N ASP A 197 14.89 7.63 -2.47
CA ASP A 197 14.73 8.94 -1.78
C ASP A 197 14.88 10.08 -2.79
N GLU A 198 15.65 9.83 -3.86
CA GLU A 198 16.00 10.85 -4.89
C GLU A 198 14.72 11.18 -5.66
N MET A 199 14.59 12.43 -6.10
CA MET A 199 13.42 12.83 -6.93
C MET A 199 13.50 12.11 -8.29
N TRP A 200 12.32 11.80 -8.85
CA TRP A 200 12.17 11.10 -10.14
C TRP A 200 13.15 11.66 -11.14
N PRO A 201 13.21 12.99 -11.39
CA PRO A 201 14.11 13.52 -12.40
C PRO A 201 15.56 13.15 -12.15
N ASP A 202 15.89 12.70 -10.93
CA ASP A 202 17.24 12.21 -10.56
C ASP A 202 17.32 10.69 -10.76
N PHE A 203 16.39 10.05 -11.46
CA PHE A 203 16.47 8.62 -11.85
C PHE A 203 17.88 8.27 -12.36
N LYS A 204 18.47 7.19 -11.80
CA LYS A 204 19.66 6.44 -12.29
C LYS A 204 19.36 4.94 -12.39
N PRO A 205 19.96 4.19 -13.36
CA PRO A 205 19.71 2.75 -13.49
C PRO A 205 19.80 2.03 -12.15
N GLU A 206 20.71 2.46 -11.30
CA GLU A 206 21.01 1.73 -10.05
C GLU A 206 19.76 1.70 -9.15
N HIS A 207 18.83 2.65 -9.31
CA HIS A 207 17.59 2.72 -8.50
C HIS A 207 16.69 1.52 -8.82
N LEU A 208 16.51 1.27 -10.12
CA LEU A 208 15.83 0.07 -10.67
C LEU A 208 16.58 -1.21 -10.25
N PHE A 209 17.89 -1.31 -10.43
CA PHE A 209 18.65 -2.55 -10.09
C PHE A 209 18.52 -2.81 -8.59
N ASN A 210 18.54 -1.76 -7.76
CA ASN A 210 18.38 -1.92 -6.29
C ASN A 210 16.98 -2.47 -5.97
N ALA A 211 15.95 -2.05 -6.73
CA ALA A 211 14.55 -2.43 -6.47
C ALA A 211 14.40 -3.92 -6.77
N LEU A 212 14.99 -4.32 -7.91
CA LEU A 212 14.96 -5.69 -8.47
C LEU A 212 15.82 -6.61 -7.62
N GLU A 213 16.93 -6.10 -7.10
CA GLU A 213 17.76 -6.84 -6.11
C GLU A 213 16.92 -7.09 -4.85
N PHE A 214 16.14 -6.10 -4.39
CA PHE A 214 15.20 -6.27 -3.24
C PHE A 214 14.07 -7.27 -3.57
N TYR A 215 13.43 -7.13 -4.74
CA TYR A 215 12.33 -7.99 -5.21
C TYR A 215 12.76 -9.46 -5.12
N GLN A 216 13.92 -9.79 -5.68
CA GLN A 216 14.33 -11.21 -5.83
C GLN A 216 14.87 -11.73 -4.48
N ASP A 217 15.33 -10.87 -3.58
CA ASP A 217 15.91 -11.32 -2.28
C ASP A 217 14.81 -11.18 -1.22
N GLN A 218 13.65 -11.79 -1.47
CA GLN A 218 12.33 -11.52 -0.81
C GLN A 218 11.62 -12.85 -0.51
N LEU B 6 14.46 6.81 27.39
CA LEU B 6 13.72 6.82 28.70
C LEU B 6 12.37 7.55 28.57
N ASP B 7 12.32 8.68 27.83
CA ASP B 7 11.25 9.70 27.89
C ASP B 7 10.36 9.62 26.65
N THR B 8 9.06 9.91 26.82
CA THR B 8 8.00 9.88 25.78
C THR B 8 8.13 11.11 24.88
N PRO B 9 8.39 10.95 23.54
CA PRO B 9 8.64 12.11 22.69
C PRO B 9 7.38 12.96 22.54
N LYS B 10 7.58 14.27 22.50
CA LYS B 10 6.54 15.29 22.25
C LYS B 10 6.46 15.48 20.73
N PHE B 11 5.38 14.99 20.12
CA PHE B 11 5.17 14.99 18.64
C PHE B 11 4.44 16.28 18.22
N LYS B 12 4.90 16.96 17.15
CA LYS B 12 4.18 18.13 16.57
C LYS B 12 2.81 17.64 16.08
N ARG B 13 2.79 16.48 15.44
CA ARG B 13 1.59 15.96 14.75
C ARG B 13 1.50 14.44 14.90
N LEU B 14 0.31 13.97 15.22
CA LEU B 14 0.05 12.55 15.48
C LEU B 14 -1.01 12.06 14.51
N PRO B 15 -0.85 10.83 13.95
CA PRO B 15 -1.90 10.24 13.13
C PRO B 15 -3.11 9.99 14.03
N GLY B 16 -4.30 10.12 13.46
CA GLY B 16 -5.55 9.82 14.18
C GLY B 16 -5.83 8.33 14.16
N HIS B 17 -5.41 7.63 13.11
CA HIS B 17 -5.71 6.18 12.92
C HIS B 17 -4.45 5.43 12.49
N ILE B 18 -3.96 4.49 13.31
CA ILE B 18 -2.72 3.70 13.03
C ILE B 18 -3.11 2.26 12.70
N ALA B 19 -2.52 1.69 11.65
CA ALA B 19 -2.67 0.25 11.30
C ALA B 19 -1.40 -0.49 11.72
N ILE B 20 -1.57 -1.70 12.22
CA ILE B 20 -0.45 -2.55 12.72
C ILE B 20 -0.54 -3.86 11.96
N ILE B 21 0.61 -4.29 11.44
CA ILE B 21 0.79 -5.61 10.81
C ILE B 21 1.88 -6.29 11.61
N PRO B 22 1.44 -7.06 12.63
CA PRO B 22 2.31 -7.66 13.63
C PRO B 22 2.93 -8.94 13.06
N ASP B 23 3.86 -8.76 12.13
CA ASP B 23 4.49 -9.87 11.38
C ASP B 23 5.79 -10.29 12.06
N GLY B 24 6.25 -11.51 11.75
CA GLY B 24 7.58 -12.02 12.17
C GLY B 24 7.57 -12.99 13.36
N ASN B 25 6.38 -13.34 13.85
CA ASN B 25 6.15 -14.23 15.02
C ASN B 25 6.82 -15.61 14.85
N ARG B 26 6.85 -16.14 13.62
CA ARG B 26 7.37 -17.49 13.29
C ARG B 26 8.91 -17.39 13.24
N ARG B 27 9.46 -16.58 12.32
CA ARG B 27 10.90 -16.24 12.22
C ARG B 27 11.43 -15.96 13.63
N TRP B 28 10.72 -15.16 14.41
CA TRP B 28 11.08 -14.88 15.81
C TRP B 28 11.28 -16.19 16.56
N ALA B 29 10.27 -17.05 16.60
CA ALA B 29 10.31 -18.33 17.34
C ALA B 29 11.45 -19.17 16.75
N LEU B 30 11.52 -19.27 15.42
CA LEU B 30 12.52 -20.13 14.74
C LEU B 30 13.91 -19.66 15.17
N ASP B 31 14.16 -18.34 15.20
CA ASP B 31 15.42 -17.71 15.66
C ASP B 31 15.75 -18.13 17.11
N ARG B 32 14.75 -18.28 17.99
CA ARG B 32 14.95 -18.67 19.40
C ARG B 32 15.11 -20.19 19.50
N GLY B 33 15.03 -20.95 18.40
CA GLY B 33 15.00 -22.42 18.39
C GLY B 33 13.65 -23.01 18.78
N LEU B 34 12.58 -22.21 18.90
CA LEU B 34 11.22 -22.70 19.27
C LEU B 34 10.50 -23.26 18.03
N GLU B 35 9.30 -23.81 18.19
CA GLU B 35 8.50 -24.24 17.02
C GLU B 35 7.87 -22.98 16.37
N LYS B 36 7.73 -23.00 15.05
CA LYS B 36 7.08 -21.94 14.22
C LYS B 36 5.89 -21.33 14.96
N HIS B 37 4.99 -22.16 15.51
CA HIS B 37 3.67 -21.76 16.04
C HIS B 37 3.80 -21.06 17.40
N GLU B 38 4.90 -21.29 18.12
CA GLU B 38 5.09 -20.81 19.52
C GLU B 38 5.36 -19.29 19.60
N GLY B 39 5.57 -18.61 18.47
CA GLY B 39 5.84 -17.15 18.42
C GLY B 39 4.61 -16.32 18.79
N TYR B 40 3.43 -16.72 18.31
CA TYR B 40 2.16 -15.98 18.42
C TYR B 40 1.92 -15.58 19.88
N LYS B 41 2.12 -16.50 20.82
CA LYS B 41 1.84 -16.25 22.26
C LYS B 41 2.76 -15.10 22.75
N HIS B 42 3.89 -14.85 22.07
CA HIS B 42 4.80 -13.73 22.43
C HIS B 42 4.36 -12.40 21.81
N GLY B 43 3.19 -12.36 21.14
CA GLY B 43 2.65 -11.20 20.42
C GLY B 43 1.72 -10.37 21.28
N ILE B 44 1.21 -10.88 22.40
CA ILE B 44 0.15 -10.17 23.19
C ILE B 44 0.67 -9.00 24.05
N VAL B 45 1.78 -9.18 24.75
CA VAL B 45 2.37 -8.09 25.60
C VAL B 45 2.82 -6.97 24.67
N PRO B 46 3.55 -7.25 23.56
CA PRO B 46 3.87 -6.21 22.59
C PRO B 46 2.63 -5.36 22.23
N GLY B 47 1.50 -6.00 21.97
CA GLY B 47 0.26 -5.28 21.58
C GLY B 47 -0.39 -4.47 22.67
N LEU B 48 -0.44 -5.00 23.89
CA LEU B 48 -1.01 -4.28 25.05
C LEU B 48 -0.14 -3.06 25.37
N GLU B 49 1.18 -3.19 25.22
CA GLU B 49 2.13 -2.08 25.47
C GLU B 49 1.98 -1.00 24.40
N LEU B 50 1.78 -1.38 23.14
CA LEU B 50 1.54 -0.39 22.08
C LEU B 50 0.21 0.30 22.39
N TYR B 51 -0.80 -0.48 22.76
CA TYR B 51 -2.11 0.10 23.21
C TYR B 51 -1.89 1.17 24.28
N ASP B 52 -1.10 0.89 25.33
CA ASP B 52 -1.00 1.87 26.43
C ASP B 52 -0.24 3.14 25.97
N ILE B 53 0.73 3.01 25.07
CA ILE B 53 1.45 4.20 24.52
C ILE B 53 0.47 5.05 23.69
N CYS B 54 -0.39 4.41 22.90
CA CYS B 54 -1.39 5.11 22.06
C CYS B 54 -2.37 5.85 22.97
N VAL B 55 -2.72 5.26 24.11
CA VAL B 55 -3.62 5.89 25.12
C VAL B 55 -2.91 7.10 25.75
N LYS B 56 -1.62 6.97 26.05
CA LYS B 56 -0.81 8.05 26.66
C LYS B 56 -0.60 9.22 25.69
N ILE B 57 -0.23 8.93 24.45
CA ILE B 57 0.07 9.99 23.45
C ILE B 57 -1.23 10.49 22.79
N GLY B 58 -2.32 9.74 22.90
CA GLY B 58 -3.62 10.19 22.37
C GLY B 58 -3.93 9.71 20.97
N ILE B 59 -3.43 8.54 20.58
CA ILE B 59 -3.85 7.97 19.27
C ILE B 59 -5.30 7.52 19.45
N GLY B 60 -6.21 8.06 18.66
CA GLY B 60 -7.65 7.75 18.82
C GLY B 60 -8.04 6.38 18.33
N GLU B 61 -7.33 5.87 17.33
CA GLU B 61 -7.74 4.58 16.75
C GLU B 61 -6.54 3.78 16.24
N VAL B 62 -6.61 2.47 16.42
CA VAL B 62 -5.61 1.45 16.00
C VAL B 62 -6.37 0.26 15.43
N THR B 63 -6.02 -0.17 14.22
CA THR B 63 -6.48 -1.43 13.62
C THR B 63 -5.31 -2.41 13.59
N PHE B 64 -5.52 -3.60 14.16
CA PHE B 64 -4.58 -4.74 14.06
C PHE B 64 -5.01 -5.70 12.95
N PHE B 65 -4.08 -6.05 12.06
CA PHE B 65 -4.27 -7.15 11.07
C PHE B 65 -4.12 -8.48 11.82
N GLY B 66 -5.24 -9.15 12.12
CA GLY B 66 -5.21 -10.52 12.66
C GLY B 66 -4.74 -11.47 11.56
N PHE B 67 -5.54 -12.46 11.20
CA PHE B 67 -5.24 -13.45 10.14
C PHE B 67 -6.23 -13.25 8.99
N THR B 68 -5.79 -13.58 7.78
CA THR B 68 -6.63 -13.55 6.56
C THR B 68 -7.32 -14.91 6.43
N GLN B 69 -8.33 -14.96 5.56
CA GLN B 69 -8.97 -16.22 5.12
C GLN B 69 -7.88 -17.19 4.62
N ASP B 70 -6.97 -16.71 3.78
CA ASP B 70 -5.88 -17.55 3.19
C ASP B 70 -5.09 -18.22 4.29
N ASN B 71 -4.78 -17.47 5.36
CA ASN B 71 -3.91 -17.89 6.49
C ASN B 71 -4.47 -19.17 7.12
N THR B 72 -5.79 -19.42 7.06
CA THR B 72 -6.39 -20.58 7.79
C THR B 72 -5.89 -21.92 7.21
N LYS B 73 -5.44 -21.94 5.94
CA LYS B 73 -4.87 -23.13 5.24
C LYS B 73 -3.42 -23.42 5.72
N ARG B 74 -2.93 -22.70 6.72
CA ARG B 74 -1.59 -22.94 7.34
C ARG B 74 -1.68 -24.19 8.20
N PRO B 75 -0.54 -24.87 8.50
CA PRO B 75 -0.55 -26.09 9.32
C PRO B 75 -1.36 -25.83 10.58
N GLN B 76 -2.25 -26.79 10.91
CA GLN B 76 -3.24 -26.69 12.02
C GLN B 76 -2.60 -26.09 13.27
N ILE B 77 -1.38 -26.50 13.62
CA ILE B 77 -0.73 -26.10 14.89
C ILE B 77 -0.40 -24.59 14.86
N GLN B 78 -0.10 -24.03 13.68
CA GLN B 78 0.11 -22.57 13.50
C GLN B 78 -1.22 -21.82 13.65
N ARG B 79 -2.29 -22.30 12.98
CA ARG B 79 -3.65 -21.68 12.98
C ARG B 79 -4.21 -21.65 14.40
N LYS B 80 -4.12 -22.75 15.13
CA LYS B 80 -4.59 -22.80 16.53
C LYS B 80 -3.89 -21.67 17.30
N ALA B 81 -2.55 -21.61 17.22
CA ALA B 81 -1.73 -20.60 17.91
C ALA B 81 -2.16 -19.18 17.49
N PHE B 82 -2.30 -18.91 16.18
CA PHE B 82 -2.58 -17.53 15.74
C PHE B 82 -4.06 -17.19 16.00
N VAL B 83 -4.99 -18.14 15.86
CA VAL B 83 -6.40 -17.89 16.29
C VAL B 83 -6.38 -17.52 17.78
N ASP B 84 -5.70 -18.33 18.59
CA ASP B 84 -5.78 -18.23 20.06
C ASP B 84 -5.20 -16.88 20.49
N ALA B 85 -4.13 -16.42 19.84
CA ALA B 85 -3.53 -15.09 20.14
C ALA B 85 -4.55 -13.97 19.84
N CYS B 86 -5.30 -14.07 18.74
CA CYS B 86 -6.27 -13.01 18.34
C CYS B 86 -7.38 -12.94 19.39
N ILE B 87 -7.89 -14.10 19.79
CA ILE B 87 -8.91 -14.21 20.86
C ILE B 87 -8.34 -13.59 22.16
N LYS B 88 -7.18 -14.05 22.63
CA LYS B 88 -6.51 -13.47 23.85
C LYS B 88 -6.40 -11.95 23.73
N SER B 89 -5.81 -11.46 22.63
CA SER B 89 -5.61 -10.01 22.36
C SER B 89 -6.92 -9.23 22.54
N VAL B 90 -8.04 -9.75 22.03
CA VAL B 90 -9.36 -9.05 22.09
C VAL B 90 -9.92 -9.14 23.53
N LYS B 91 -9.92 -10.30 24.19
CA LYS B 91 -10.43 -10.43 25.58
C LYS B 91 -9.65 -9.46 26.50
N GLU B 92 -8.33 -9.39 26.34
CA GLU B 92 -7.43 -8.63 27.24
C GLU B 92 -7.69 -7.14 27.13
N LEU B 93 -7.74 -6.65 25.88
CA LEU B 93 -7.99 -5.22 25.58
C LEU B 93 -9.37 -4.84 26.11
N SER B 94 -10.34 -5.77 26.07
CA SER B 94 -11.71 -5.54 26.58
C SER B 94 -11.66 -5.28 28.09
N LYS B 95 -10.60 -5.71 28.78
CA LYS B 95 -10.36 -5.42 30.22
C LYS B 95 -9.63 -4.07 30.40
N HIS B 96 -9.25 -3.36 29.34
CA HIS B 96 -8.48 -2.08 29.45
C HIS B 96 -9.10 -0.93 28.63
N ASP B 97 -10.42 -0.71 28.66
CA ASP B 97 -11.01 0.61 28.26
C ASP B 97 -10.93 0.83 26.75
N ALA B 98 -10.94 -0.25 25.99
CA ALA B 98 -10.97 -0.23 24.51
C ALA B 98 -12.43 -0.22 24.06
N GLU B 99 -12.76 0.59 23.05
CA GLU B 99 -13.91 0.34 22.13
C GLU B 99 -13.47 -0.67 21.08
N LEU B 100 -13.91 -1.93 21.17
CA LEU B 100 -13.39 -3.00 20.29
C LEU B 100 -14.36 -3.29 19.14
N LEU B 101 -13.78 -3.37 17.94
CA LEU B 101 -14.54 -3.82 16.75
C LEU B 101 -13.72 -4.93 16.08
N VAL B 102 -14.37 -6.07 15.79
CA VAL B 102 -13.70 -7.17 15.06
C VAL B 102 -14.36 -7.25 13.68
N VAL B 103 -13.54 -7.15 12.63
CA VAL B 103 -14.05 -7.26 11.25
C VAL B 103 -13.50 -8.55 10.62
N GLY B 104 -14.37 -9.35 10.03
CA GLY B 104 -13.98 -10.60 9.36
C GLY B 104 -15.17 -11.38 8.86
N ASN B 105 -14.93 -12.41 8.04
CA ASN B 105 -15.99 -13.26 7.44
C ASN B 105 -16.56 -14.20 8.49
N THR B 106 -17.69 -13.82 9.06
CA THR B 106 -18.32 -14.61 10.14
C THR B 106 -18.99 -15.82 9.48
N ASN B 107 -19.35 -15.70 8.21
CA ASN B 107 -20.03 -16.79 7.46
C ASN B 107 -18.99 -17.84 7.09
N SER B 108 -18.14 -18.24 8.03
CA SER B 108 -17.02 -19.19 7.81
C SER B 108 -16.74 -19.93 9.13
N ASP B 109 -16.54 -21.23 9.03
CA ASP B 109 -16.14 -22.14 10.15
C ASP B 109 -14.81 -21.65 10.75
N MET B 110 -14.06 -20.84 9.99
CA MET B 110 -12.73 -20.36 10.42
C MET B 110 -12.87 -19.02 11.18
N PHE B 111 -14.08 -18.46 11.28
CA PHE B 111 -14.32 -17.29 12.16
C PHE B 111 -14.42 -17.78 13.60
N PRO B 112 -13.52 -17.32 14.50
CA PRO B 112 -13.48 -17.80 15.88
C PRO B 112 -14.72 -17.31 16.65
N LYS B 113 -15.49 -18.27 17.18
CA LYS B 113 -16.86 -18.03 17.69
C LYS B 113 -16.82 -17.05 18.87
N GLU B 114 -15.77 -17.12 19.66
CA GLU B 114 -15.56 -16.26 20.85
C GLU B 114 -15.54 -14.77 20.47
N LEU B 115 -15.33 -14.42 19.19
CA LEU B 115 -15.19 -13.00 18.75
C LEU B 115 -16.47 -12.54 18.06
N LEU B 116 -17.54 -13.34 18.04
CA LEU B 116 -18.84 -12.91 17.49
C LEU B 116 -19.45 -11.84 18.42
N ALA B 117 -18.99 -11.78 19.67
CA ALA B 117 -19.41 -10.77 20.66
C ALA B 117 -19.01 -9.36 20.19
N TYR B 118 -18.01 -9.25 19.31
CA TYR B 118 -17.31 -7.97 19.00
C TYR B 118 -17.48 -7.52 17.55
N THR B 119 -18.39 -8.13 16.78
CA THR B 119 -18.61 -7.78 15.35
C THR B 119 -19.44 -6.48 15.22
N LYS B 120 -20.07 -6.00 16.30
CA LYS B 120 -20.54 -4.59 16.39
C LYS B 120 -19.67 -3.91 17.45
N ARG B 121 -19.26 -2.69 17.16
CA ARG B 121 -18.28 -1.92 18.00
C ARG B 121 -18.87 -1.73 19.41
N THR B 122 -18.10 -2.08 20.44
CA THR B 122 -18.57 -2.16 21.86
C THR B 122 -17.62 -1.34 22.72
N LYS B 123 -18.12 -0.28 23.37
CA LYS B 123 -17.33 0.47 24.39
C LYS B 123 -17.15 -0.43 25.60
N PHE B 124 -15.91 -0.60 26.06
CA PHE B 124 -15.55 -1.23 27.35
C PHE B 124 -14.82 -0.19 28.20
N GLY B 125 -15.11 -0.20 29.51
CA GLY B 125 -14.66 0.83 30.46
C GLY B 125 -14.88 2.24 29.92
N LYS B 126 -13.82 3.06 29.97
CA LYS B 126 -13.84 4.52 29.66
C LYS B 126 -13.62 4.75 28.16
N GLY B 127 -13.52 3.69 27.35
CA GLY B 127 -13.42 3.76 25.87
C GLY B 127 -12.32 4.71 25.42
N LYS B 128 -11.07 4.50 25.85
CA LYS B 128 -9.98 5.50 25.70
C LYS B 128 -9.48 5.53 24.24
N VAL B 129 -9.68 4.44 23.48
CA VAL B 129 -9.19 4.35 22.07
C VAL B 129 -10.03 3.29 21.35
N ARG B 130 -10.42 3.55 20.10
CA ARG B 130 -11.02 2.54 19.21
C ARG B 130 -9.93 1.57 18.75
N ILE B 131 -10.13 0.29 19.03
CA ILE B 131 -9.28 -0.83 18.55
C ILE B 131 -10.11 -1.71 17.62
N ASN B 132 -9.53 -1.97 16.45
CA ASN B 132 -10.15 -2.82 15.43
C ASN B 132 -9.25 -4.05 15.21
N PHE B 133 -9.87 -5.17 14.85
CA PHE B 133 -9.14 -6.44 14.61
C PHE B 133 -9.67 -7.10 13.33
N LEU B 134 -8.78 -7.33 12.38
CA LEU B 134 -9.13 -8.05 11.14
C LEU B 134 -8.95 -9.56 11.36
N VAL B 135 -10.04 -10.31 11.46
CA VAL B 135 -9.98 -11.75 11.80
C VAL B 135 -10.79 -12.51 10.76
N ASN B 136 -10.20 -13.55 10.14
CA ASN B 136 -10.83 -14.25 9.00
C ASN B 136 -11.16 -13.19 7.95
N TYR B 137 -10.22 -12.26 7.75
CA TYR B 137 -10.45 -11.12 6.82
C TYR B 137 -9.90 -11.41 5.42
N GLY B 138 -10.56 -10.84 4.42
CA GLY B 138 -10.08 -10.93 3.03
C GLY B 138 -10.42 -9.64 2.30
N TRP B 139 -9.44 -9.04 1.62
CA TRP B 139 -9.69 -7.82 0.82
C TRP B 139 -10.79 -8.07 -0.18
N TYR B 140 -10.77 -9.23 -0.85
CA TYR B 140 -11.76 -9.56 -1.91
C TYR B 140 -13.15 -9.67 -1.28
N TRP B 141 -13.26 -10.36 -0.13
CA TRP B 141 -14.52 -10.51 0.65
C TRP B 141 -15.02 -9.15 1.09
N ASP B 142 -14.10 -8.28 1.53
CA ASP B 142 -14.38 -6.92 2.05
C ASP B 142 -15.04 -6.06 0.97
N LEU B 143 -14.45 -6.01 -0.22
CA LEU B 143 -14.88 -5.13 -1.35
C LEU B 143 -16.17 -5.68 -1.99
N THR B 144 -16.28 -6.99 -2.19
CA THR B 144 -17.46 -7.58 -2.87
C THR B 144 -18.63 -7.70 -1.89
N TYR B 145 -18.44 -7.35 -0.61
CA TYR B 145 -19.52 -7.32 0.41
C TYR B 145 -20.64 -6.39 -0.06
N ALA B 146 -20.24 -5.35 -0.79
CA ALA B 146 -21.03 -4.21 -1.30
C ALA B 146 -22.28 -4.65 -2.09
N PHE B 147 -22.18 -5.64 -2.99
CA PHE B 147 -23.35 -6.36 -3.54
C PHE B 147 -24.10 -7.11 -2.42
N ILE B 157 -19.66 1.01 -1.74
CA ILE B 157 -18.31 1.24 -1.15
C ILE B 157 -18.43 1.94 0.22
N GLU B 158 -19.58 2.53 0.53
CA GLU B 158 -19.99 2.89 1.90
C GLU B 158 -20.28 1.60 2.69
N ASN B 159 -20.51 0.48 1.99
CA ASN B 159 -21.06 -0.79 2.54
C ASN B 159 -20.09 -1.97 2.39
N ILE B 160 -18.82 -1.73 2.10
CA ILE B 160 -17.77 -2.78 2.23
C ILE B 160 -17.81 -3.30 3.67
N ALA B 161 -17.45 -4.57 3.88
CA ALA B 161 -17.39 -5.23 5.21
C ALA B 161 -16.74 -4.30 6.23
N SER B 162 -15.70 -3.57 5.83
CA SER B 162 -14.76 -2.86 6.73
C SER B 162 -15.14 -1.39 6.81
N ALA B 163 -16.39 -1.06 6.46
CA ALA B 163 -16.89 0.33 6.31
C ALA B 163 -16.80 1.09 7.63
N GLU B 164 -16.83 0.40 8.77
CA GLU B 164 -16.79 1.05 10.09
C GLU B 164 -15.34 1.30 10.50
N ILE B 165 -14.36 0.78 9.73
CA ILE B 165 -12.91 1.13 9.90
C ILE B 165 -12.61 2.31 8.98
N PRO B 166 -12.23 3.48 9.54
CA PRO B 166 -11.98 4.67 8.72
C PRO B 166 -10.60 4.62 8.04
N ARG B 167 -10.40 5.53 7.10
CA ARG B 167 -9.09 5.84 6.49
C ARG B 167 -7.96 5.63 7.52
N ILE B 168 -6.91 4.94 7.10
CA ILE B 168 -5.68 4.74 7.91
C ILE B 168 -4.67 5.86 7.53
N ASP B 169 -4.13 6.59 8.51
CA ASP B 169 -3.13 7.69 8.33
C ASP B 169 -1.74 7.09 8.22
N LEU B 170 -1.50 6.02 8.97
CA LEU B 170 -0.17 5.42 9.13
C LEU B 170 -0.29 3.93 9.35
N LEU B 171 0.36 3.16 8.47
CA LEU B 171 0.51 1.69 8.56
C LEU B 171 1.94 1.36 8.99
N ILE B 172 2.07 0.65 10.11
CA ILE B 172 3.37 0.15 10.64
C ILE B 172 3.39 -1.39 10.58
N ARG B 173 4.32 -1.96 9.81
CA ARG B 173 4.50 -3.42 9.63
C ARG B 173 5.81 -3.86 10.29
N TRP B 174 5.76 -4.84 11.21
CA TRP B 174 6.97 -5.49 11.78
C TRP B 174 7.37 -6.68 10.88
N GLY B 175 8.66 -7.02 10.90
CA GLY B 175 9.25 -8.19 10.20
C GLY B 175 9.78 -7.88 8.80
N GLY B 176 10.04 -6.60 8.48
CA GLY B 176 10.81 -6.17 7.30
C GLY B 176 10.17 -6.42 5.94
N ARG B 177 9.02 -7.08 5.81
CA ARG B 177 8.37 -7.19 4.48
C ARG B 177 7.76 -5.84 4.13
N ARG B 178 7.86 -5.42 2.88
CA ARG B 178 7.34 -4.11 2.45
C ARG B 178 6.14 -4.39 1.56
N ARG B 179 5.04 -4.88 2.15
CA ARG B 179 3.80 -5.24 1.43
C ARG B 179 2.61 -4.79 2.26
N LEU B 180 1.47 -4.53 1.62
CA LEU B 180 0.21 -4.24 2.36
C LEU B 180 -0.44 -5.56 2.78
N SER B 181 -0.10 -6.65 2.10
CA SER B 181 -0.64 -8.01 2.36
C SER B 181 -2.18 -7.99 2.41
N GLY B 182 -2.81 -7.14 1.62
CA GLY B 182 -4.27 -7.15 1.45
C GLY B 182 -5.00 -6.53 2.62
N MET B 183 -4.30 -5.79 3.48
CA MET B 183 -4.97 -5.09 4.59
C MET B 183 -5.74 -3.88 4.04
N LEU B 184 -7.07 -3.96 3.97
CA LEU B 184 -7.98 -2.79 3.89
C LEU B 184 -7.57 -1.90 2.73
N PRO B 185 -7.67 -2.42 1.49
CA PRO B 185 -7.28 -1.68 0.29
C PRO B 185 -7.80 -0.24 0.26
N VAL B 186 -9.07 -0.03 0.64
CA VAL B 186 -9.76 1.28 0.51
C VAL B 186 -9.12 2.28 1.49
N GLN B 187 -8.90 1.83 2.74
CA GLN B 187 -8.56 2.68 3.91
C GLN B 187 -7.07 3.04 3.90
N THR B 188 -6.27 2.35 3.09
CA THR B 188 -4.77 2.41 3.01
C THR B 188 -4.28 3.08 1.71
N VAL B 189 -5.18 3.57 0.85
CA VAL B 189 -4.83 4.19 -0.47
C VAL B 189 -3.84 5.34 -0.26
N TYR B 190 -3.98 6.16 0.78
CA TYR B 190 -3.11 7.34 1.06
C TYR B 190 -2.29 7.13 2.34
N SER B 191 -2.33 5.95 2.95
CA SER B 191 -1.58 5.69 4.22
C SER B 191 -0.09 5.82 3.95
N ASP B 192 0.62 6.58 4.78
CA ASP B 192 2.11 6.53 4.89
C ASP B 192 2.45 5.17 5.50
N ILE B 193 3.46 4.48 4.97
CA ILE B 193 3.82 3.08 5.36
C ILE B 193 5.21 3.08 5.98
N TYR B 194 5.36 2.53 7.18
CA TYR B 194 6.66 2.40 7.87
C TYR B 194 6.89 0.93 8.21
N VAL B 195 8.03 0.42 7.81
CA VAL B 195 8.44 -0.99 7.98
C VAL B 195 9.50 -1.05 9.07
N VAL B 196 9.18 -1.72 10.16
CA VAL B 196 10.14 -2.08 11.23
C VAL B 196 10.75 -3.42 10.80
N ASP B 197 12.08 -3.52 10.80
CA ASP B 197 12.78 -4.76 10.35
C ASP B 197 12.61 -5.86 11.39
N GLU B 198 12.67 -5.54 12.68
CA GLU B 198 12.58 -6.51 13.82
C GLU B 198 11.24 -7.26 13.81
N MET B 199 11.21 -8.48 14.32
CA MET B 199 9.97 -9.30 14.35
C MET B 199 9.04 -8.75 15.44
N TRP B 200 7.72 -8.91 15.26
CA TRP B 200 6.68 -8.38 16.18
C TRP B 200 6.99 -8.68 17.65
N PRO B 201 7.35 -9.93 18.03
CA PRO B 201 7.66 -10.21 19.44
C PRO B 201 8.79 -9.33 20.01
N ASP B 202 9.70 -8.82 19.18
CA ASP B 202 10.77 -7.87 19.63
C ASP B 202 10.26 -6.42 19.59
N PHE B 203 8.96 -6.18 19.70
CA PHE B 203 8.38 -4.82 19.66
C PHE B 203 9.10 -3.92 20.68
N LYS B 204 9.56 -2.74 20.26
CA LYS B 204 10.13 -1.71 21.16
C LYS B 204 9.25 -0.48 21.02
N PRO B 205 8.96 0.26 22.11
CA PRO B 205 8.32 1.56 22.00
C PRO B 205 9.00 2.41 20.94
N GLU B 206 10.32 2.25 20.76
CA GLU B 206 11.03 3.19 19.87
C GLU B 206 10.62 2.90 18.42
N HIS B 207 10.10 1.71 18.12
CA HIS B 207 9.66 1.37 16.75
C HIS B 207 8.45 2.26 16.48
N LEU B 208 7.57 2.35 17.44
CA LEU B 208 6.40 3.23 17.30
C LEU B 208 6.87 4.69 17.19
N PHE B 209 7.79 5.15 18.04
CA PHE B 209 8.24 6.58 17.95
C PHE B 209 8.93 6.82 16.62
N ASN B 210 9.68 5.84 16.12
CA ASN B 210 10.33 5.99 14.79
C ASN B 210 9.27 6.19 13.70
N ALA B 211 8.17 5.43 13.75
CA ALA B 211 7.06 5.45 12.78
C ALA B 211 6.39 6.84 12.83
N LEU B 212 6.16 7.33 14.06
CA LEU B 212 5.51 8.63 14.38
C LEU B 212 6.42 9.77 13.96
N GLU B 213 7.73 9.63 14.17
CA GLU B 213 8.68 10.68 13.73
C GLU B 213 8.56 10.77 12.20
N PHE B 214 8.47 9.63 11.53
CA PHE B 214 8.34 9.54 10.05
C PHE B 214 7.04 10.22 9.60
N TYR B 215 5.92 9.92 10.26
CA TYR B 215 4.57 10.38 9.84
C TYR B 215 4.54 11.92 9.89
N GLN B 216 4.90 12.45 11.06
CA GLN B 216 5.08 13.88 11.40
C GLN B 216 5.84 14.61 10.29
N ASP B 217 6.93 14.01 9.78
CA ASP B 217 7.92 14.62 8.84
C ASP B 217 7.38 14.70 7.39
N GLN B 218 6.17 14.19 7.12
CA GLN B 218 5.50 14.28 5.80
C GLN B 218 4.46 15.40 5.86
#